data_5OA6
#
_entry.id   5OA6
#
_cell.length_a   49.749
_cell.length_b   70.591
_cell.length_c   150.411
_cell.angle_alpha   90.00
_cell.angle_beta   90.00
_cell.angle_gamma   90.00
#
_symmetry.space_group_name_H-M   'P 21 21 21'
#
loop_
_entity.id
_entity.type
_entity.pdbx_description
1 polymer '1,3-beta-glucanosyltransferase GAS2'
2 non-polymer (2~{R},3~{S},4~{S},5~{R},6~{S})-2-(hydroxymethyl)-6-[(2~{R},3~{R},4~{S},5~{R},6~{S})-2-(hydroxymethyl)-6-[(2~{R},3~{R},4~{S},5~{R},6~{R})-2-(hydroxymethyl)-3,5-bis(oxidanyl)-6-[4-(3-quinolin-1-ium-1-ylpropyl)-1,2,3-triazol-1-yl]oxan-4-yl]oxy-3,5-bis(oxidanyl)oxan-4-yl]oxy-oxane-3,4,5-triol
3 non-polymer 'SULFATE ION'
4 non-polymer 1,2-ETHANEDIOL
5 water water
#
_entity_poly.entity_id   1
_entity_poly.type   'polypeptide(L)'
_entity_poly.pdbx_seq_one_letter_code
;MNKKQNFYAAIIVAIFLCLQLSHGSSGVSFEKTPAIKIVGNKFFDSESGEQFFIKGIAYQLQRSEEELSNANGAFETSYI
DALADPKICLRDIPFLKMLGVNTLRVYAIDPTKSHDICMEALSAEGMYVLLDLSEPDISINRENPSWDVHIFERYKSVID
AMSSFPNLLGYFAGNEVTNDHTNTFASPFVKAAIRDAKEYISHSNHRKIPVGYSTNDDAMTRDNLARYFVCGDVKADFYG
INMYEWCGYSTYGTSGYRERTKEFEGYPIPVFFSEFGCNLVRPRPFTEVSALYGNKMSSVWSGGLAYMYFEEENEYGVVK
INDNDGVDILPDFKNLKKEFAKADPKGITEEEYLTAKEPTEVESVECPHIAVGVWEANEKLPETPDRSKCACLDEILPCE
IVPFGAESGKYEEYFSYLCSKVDCSDILANGKTGEYGEFSDCSVEQKLSLQLSKLYCKIGANDRHCPLNDKNVYFNLESL
QPLTSESICKNVFDSIRNITYNHGDYSKSNPSRSKESLNVKYPSSEERENDGTIAFKTSGFVILLISMIAAGILL
;
_entity_poly.pdbx_strand_id   A
#
loop_
_chem_comp.id
_chem_comp.type
_chem_comp.name
_chem_comp.formula
9PT non-polymer (2~{R},3~{S},4~{S},5~{R},6~{S})-2-(hydroxymethyl)-6-[(2~{R},3~{R},4~{S},5~{R},6~{S})-2-(hydroxymethyl)-6-[(2~{R},3~{R},4~{S},5~{R},6~{R})-2-(hydroxymethyl)-3,5-bis(oxidanyl)-6-[4-(3-quinolin-1-ium-1-ylpropyl)-1,2,3-triazol-1-yl]oxan-4-yl]oxy-3,5-bis(oxidanyl)oxan-4-yl]oxy-oxane-3,4,5-triol 'C32 H45 N4 O15 1'
EDO non-polymer 1,2-ETHANEDIOL 'C2 H6 O2'
SO4 non-polymer 'SULFATE ION' 'O4 S -2'
#
# COMPACT_ATOMS: atom_id res chain seq x y z
N SER A 29 5.08 22.62 16.15
CA SER A 29 5.51 23.19 14.83
C SER A 29 5.84 22.09 13.81
N PHE A 30 5.36 22.27 12.58
CA PHE A 30 5.81 21.50 11.39
C PHE A 30 6.51 22.41 10.39
N GLU A 31 7.17 23.45 10.91
CA GLU A 31 7.84 24.48 10.12
C GLU A 31 8.76 23.90 9.05
N LYS A 32 9.62 22.96 9.43
CA LYS A 32 10.64 22.42 8.53
C LYS A 32 10.10 21.39 7.51
N THR A 33 8.83 21.02 7.62
CA THR A 33 8.17 20.18 6.62
C THR A 33 6.86 20.77 6.11
N PRO A 34 6.94 21.74 5.16
CA PRO A 34 5.73 22.17 4.47
C PRO A 34 5.11 20.97 3.76
N ALA A 35 3.78 20.93 3.67
CA ALA A 35 3.10 19.84 2.93
C ALA A 35 3.63 19.80 1.49
N ILE A 36 3.85 18.58 0.98
CA ILE A 36 4.16 18.36 -0.44
C ILE A 36 2.85 18.10 -1.18
N LYS A 37 2.72 18.71 -2.36
CA LYS A 37 1.59 18.50 -3.25
C LYS A 37 2.08 17.98 -4.59
N ILE A 38 1.15 17.53 -5.41
CA ILE A 38 1.45 17.01 -6.73
C ILE A 38 0.93 17.99 -7.78
N VAL A 39 1.76 18.29 -8.78
CA VAL A 39 1.31 18.98 -10.01
C VAL A 39 1.85 18.18 -11.20
N GLY A 40 0.94 17.74 -12.07
CA GLY A 40 1.27 16.80 -13.15
C GLY A 40 1.99 15.56 -12.67
N ASN A 41 3.22 15.36 -13.16
CA ASN A 41 4.02 14.18 -12.82
C ASN A 41 5.19 14.49 -11.88
N LYS A 42 5.02 15.53 -11.05
CA LYS A 42 6.06 15.94 -10.11
C LYS A 42 5.48 16.29 -8.73
N PHE A 43 6.30 16.15 -7.69
CA PHE A 43 5.98 16.62 -6.34
C PHE A 43 6.57 18.02 -6.15
N PHE A 44 5.86 18.90 -5.45
CA PHE A 44 6.34 20.26 -5.17
C PHE A 44 6.10 20.60 -3.71
N ASP A 45 7.09 21.26 -3.11
CA ASP A 45 6.95 21.89 -1.79
C ASP A 45 5.89 22.98 -1.92
N SER A 46 4.84 22.91 -1.11
CA SER A 46 3.68 23.80 -1.27
C SER A 46 3.92 25.27 -0.88
N GLU A 47 5.03 25.55 -0.20
CA GLU A 47 5.40 26.92 0.19
C GLU A 47 6.38 27.53 -0.81
N SER A 48 7.52 26.89 -0.98
CA SER A 48 8.58 27.40 -1.85
C SER A 48 8.26 27.25 -3.34
N GLY A 49 7.47 26.24 -3.70
CA GLY A 49 7.26 25.89 -5.12
C GLY A 49 8.38 25.07 -5.75
N GLU A 50 9.39 24.68 -4.96
CA GLU A 50 10.53 23.93 -5.49
C GLU A 50 10.12 22.47 -5.68
N GLN A 51 10.62 21.82 -6.72
CA GLN A 51 10.36 20.38 -6.90
C GLN A 51 10.94 19.60 -5.73
N PHE A 52 10.20 18.59 -5.28
CA PHE A 52 10.57 17.76 -4.15
C PHE A 52 11.06 16.42 -4.68
N PHE A 53 12.27 16.05 -4.27
CA PHE A 53 12.86 14.77 -4.59
C PHE A 53 12.96 13.95 -3.32
N ILE A 54 12.49 12.73 -3.41
CA ILE A 54 12.55 11.82 -2.28
C ILE A 54 13.96 11.28 -2.15
N LYS A 55 14.54 11.43 -0.97
CA LYS A 55 15.79 10.78 -0.58
C LYS A 55 15.44 10.03 0.68
N GLY A 56 15.14 8.73 0.54
CA GLY A 56 14.48 8.03 1.62
C GLY A 56 15.08 6.74 2.07
N ILE A 57 14.50 6.19 3.13
CA ILE A 57 14.84 4.86 3.60
C ILE A 57 13.61 4.21 4.23
N ALA A 58 13.50 2.89 4.00
CA ALA A 58 12.44 2.11 4.62
C ALA A 58 12.71 1.94 6.11
N TYR A 59 11.71 2.20 6.93
CA TYR A 59 11.84 2.19 8.39
C TYR A 59 10.69 1.40 9.02
N GLN A 60 10.98 0.14 9.33
CA GLN A 60 9.97 -0.78 9.82
C GLN A 60 10.61 -1.95 10.55
N LEU A 61 10.16 -2.18 11.77
CA LEU A 61 10.63 -3.27 12.61
C LEU A 61 9.68 -4.44 12.37
N GLN A 62 10.18 -5.67 12.46
CA GLN A 62 9.29 -6.84 12.42
C GLN A 62 9.70 -7.89 13.45
N ARG A 63 8.72 -8.66 13.92
CA ARG A 63 8.93 -9.63 15.00
C ARG A 63 9.70 -10.86 14.53
N SER A 64 10.49 -11.43 15.44
CA SER A 64 11.11 -12.76 15.24
C SER A 64 11.60 -13.34 16.57
N THR A 77 0.08 -6.51 18.68
CA THR A 77 -0.04 -6.64 17.23
C THR A 77 1.08 -7.48 16.63
N SER A 78 0.78 -8.13 15.49
CA SER A 78 1.76 -8.91 14.72
C SER A 78 2.91 -8.06 14.17
N TYR A 79 2.55 -6.90 13.62
CA TYR A 79 3.52 -5.88 13.20
C TYR A 79 3.93 -5.03 14.40
N ILE A 80 5.08 -4.40 14.30
CA ILE A 80 5.58 -3.46 15.30
C ILE A 80 5.52 -2.03 14.75
N ASP A 81 4.91 -1.11 15.50
CA ASP A 81 4.80 0.29 15.11
C ASP A 81 5.84 1.15 15.85
N ALA A 82 7.02 1.28 15.24
CA ALA A 82 8.07 2.16 15.77
C ALA A 82 7.68 3.64 15.93
N LEU A 83 6.74 4.13 15.11
CA LEU A 83 6.29 5.51 15.23
C LEU A 83 5.32 5.77 16.37
N ALA A 84 4.82 4.70 17.00
CA ALA A 84 4.02 4.82 18.21
C ALA A 84 4.86 4.69 19.49
N ASP A 85 6.18 4.50 19.37
CA ASP A 85 7.05 4.24 20.52
C ASP A 85 8.22 5.24 20.52
N PRO A 86 8.06 6.36 21.25
CA PRO A 86 9.09 7.38 21.28
C PRO A 86 10.50 6.89 21.58
N LYS A 87 10.67 5.92 22.48
CA LYS A 87 12.02 5.43 22.80
C LYS A 87 12.72 4.79 21.61
N ILE A 88 11.95 4.17 20.71
CA ILE A 88 12.48 3.65 19.46
C ILE A 88 12.74 4.77 18.43
N CYS A 89 11.72 5.54 18.07
CA CYS A 89 11.87 6.54 17.02
C CYS A 89 12.89 7.61 17.38
N LEU A 90 12.88 8.05 18.64
CA LEU A 90 13.84 9.07 19.09
C LEU A 90 15.27 8.53 19.17
N ARG A 91 15.43 7.21 19.37
CA ARG A 91 16.75 6.59 19.21
C ARG A 91 17.27 6.71 17.78
N ASP A 92 16.41 6.38 16.82
CA ASP A 92 16.85 6.24 15.43
C ASP A 92 16.94 7.54 14.63
N ILE A 93 16.14 8.54 14.98
CA ILE A 93 16.11 9.79 14.19
C ILE A 93 17.49 10.48 14.02
N PRO A 94 18.31 10.55 15.10
CA PRO A 94 19.68 11.03 14.93
C PRO A 94 20.50 10.25 13.87
N PHE A 95 20.30 8.94 13.79
CA PHE A 95 20.95 8.12 12.75
C PHE A 95 20.37 8.38 11.37
N LEU A 96 19.05 8.57 11.28
CA LEU A 96 18.41 8.97 10.02
C LEU A 96 18.88 10.36 9.54
N LYS A 97 19.06 11.28 10.48
CA LYS A 97 19.61 12.60 10.16
C LYS A 97 21.02 12.46 9.53
N MET A 98 21.87 11.66 10.17
CA MET A 98 23.24 11.38 9.66
C MET A 98 23.21 10.89 8.21
N LEU A 99 22.34 9.92 7.93
CA LEU A 99 22.17 9.41 6.55
C LEU A 99 21.77 10.48 5.55
N GLY A 100 21.03 11.49 5.99
CA GLY A 100 20.64 12.60 5.13
C GLY A 100 19.34 12.34 4.38
N VAL A 101 18.50 11.46 4.93
CA VAL A 101 17.20 11.20 4.33
C VAL A 101 16.22 12.31 4.63
N ASN A 102 15.30 12.55 3.69
CA ASN A 102 14.14 13.42 3.93
C ASN A 102 12.81 12.67 3.96
N THR A 103 12.82 11.34 3.76
CA THR A 103 11.59 10.55 3.71
C THR A 103 11.81 9.15 4.29
N LEU A 104 10.82 8.65 5.01
CA LEU A 104 10.76 7.25 5.43
C LEU A 104 9.58 6.56 4.73
N ARG A 105 9.76 5.30 4.35
CA ARG A 105 8.61 4.45 4.05
C ARG A 105 8.34 3.56 5.26
N VAL A 106 7.10 3.61 5.71
CA VAL A 106 6.60 2.83 6.82
C VAL A 106 5.50 1.93 6.27
N TYR A 107 5.61 0.64 6.55
CA TYR A 107 4.73 -0.39 5.97
C TYR A 107 3.50 -0.67 6.83
N ALA A 108 3.57 -0.37 8.12
CA ALA A 108 2.47 -0.67 9.02
C ALA A 108 2.52 0.17 10.28
N ILE A 109 1.42 0.89 10.55
CA ILE A 109 1.18 1.55 11.82
C ILE A 109 -0.06 0.94 12.53
N ASP A 110 -0.07 1.08 13.84
CA ASP A 110 -1.23 0.77 14.68
C ASP A 110 -2.07 2.04 14.83
N PRO A 111 -3.23 2.11 14.14
CA PRO A 111 -4.00 3.35 14.21
C PRO A 111 -4.66 3.65 15.56
N THR A 112 -4.65 2.72 16.51
CA THR A 112 -5.19 2.95 17.86
C THR A 112 -4.24 3.73 18.75
N LYS A 113 -2.98 3.90 18.32
CA LYS A 113 -1.94 4.59 19.09
C LYS A 113 -1.69 5.97 18.54
N SER A 114 -1.22 6.85 19.43
CA SER A 114 -0.76 8.20 19.09
C SER A 114 0.55 8.13 18.30
N HIS A 115 0.71 9.03 17.33
CA HIS A 115 1.95 9.18 16.56
C HIS A 115 2.49 10.61 16.57
N ASP A 116 1.94 11.47 17.43
CA ASP A 116 2.34 12.88 17.44
C ASP A 116 3.80 13.08 17.75
N ILE A 117 4.29 12.37 18.77
CA ILE A 117 5.67 12.57 19.27
C ILE A 117 6.69 12.26 18.16
N CYS A 118 6.57 11.09 17.56
CA CYS A 118 7.49 10.70 16.49
C CYS A 118 7.32 11.51 15.21
N MET A 119 6.08 11.82 14.83
CA MET A 119 5.89 12.60 13.60
C MET A 119 6.43 14.03 13.74
N GLU A 120 6.23 14.65 14.91
CA GLU A 120 6.83 15.96 15.17
C GLU A 120 8.37 15.92 15.21
N ALA A 121 8.93 14.85 15.81
CA ALA A 121 10.39 14.68 15.85
C ALA A 121 10.97 14.52 14.46
N LEU A 122 10.27 13.76 13.62
CA LEU A 122 10.65 13.63 12.21
C LEU A 122 10.58 14.97 11.48
N SER A 123 9.47 15.69 11.69
CA SER A 123 9.27 16.99 11.06
C SER A 123 10.41 17.94 11.41
N ALA A 124 10.81 17.93 12.68
CA ALA A 124 11.91 18.78 13.16
C ALA A 124 13.25 18.50 12.47
N GLU A 125 13.44 17.31 11.91
CA GLU A 125 14.60 17.03 11.06
C GLU A 125 14.34 17.09 9.55
N GLY A 126 13.21 17.66 9.14
CA GLY A 126 12.86 17.78 7.72
C GLY A 126 12.41 16.47 7.07
N MET A 127 11.88 15.55 7.87
CA MET A 127 11.59 14.21 7.38
C MET A 127 10.09 13.98 7.21
N TYR A 128 9.76 13.35 6.08
CA TYR A 128 8.40 13.06 5.65
C TYR A 128 8.18 11.55 5.73
N VAL A 129 6.92 11.13 5.62
CA VAL A 129 6.60 9.68 5.72
C VAL A 129 5.70 9.26 4.56
N LEU A 130 6.10 8.20 3.84
CA LEU A 130 5.22 7.46 2.93
C LEU A 130 4.74 6.22 3.68
N LEU A 131 3.43 6.01 3.70
CA LEU A 131 2.82 5.01 4.59
C LEU A 131 1.87 4.10 3.83
N ASP A 132 2.10 2.81 3.92
CA ASP A 132 1.12 1.83 3.43
C ASP A 132 -0.11 1.83 4.34
N LEU A 133 -1.29 1.65 3.75
CA LEU A 133 -2.53 1.61 4.48
C LEU A 133 -2.83 0.22 5.04
N SER A 134 -2.28 -0.81 4.40
CA SER A 134 -2.53 -2.20 4.76
C SER A 134 -1.59 -2.67 5.87
N GLU A 135 -1.83 -3.89 6.34
CA GLU A 135 -0.87 -4.58 7.21
C GLU A 135 -0.95 -6.07 6.85
N PRO A 136 0.08 -6.86 7.23
CA PRO A 136 0.14 -8.22 6.68
C PRO A 136 -1.12 -9.06 6.81
N ASP A 137 -1.86 -8.89 7.91
CA ASP A 137 -3.09 -9.62 8.16
C ASP A 137 -4.35 -8.94 7.63
N ILE A 138 -4.24 -7.70 7.15
CA ILE A 138 -5.40 -7.02 6.56
C ILE A 138 -4.92 -6.27 5.29
N SER A 139 -4.82 -7.04 4.20
CA SER A 139 -4.31 -6.59 2.92
C SER A 139 -5.21 -7.22 1.88
N ILE A 140 -5.19 -6.66 0.66
CA ILE A 140 -5.86 -7.33 -0.46
C ILE A 140 -5.07 -8.61 -0.77
N ASN A 141 -5.72 -9.77 -0.65
CA ASN A 141 -5.06 -11.08 -0.77
C ASN A 141 -4.89 -11.40 -2.25
N ARG A 142 -3.67 -11.43 -2.72
CA ARG A 142 -3.42 -11.62 -4.16
C ARG A 142 -3.86 -13.02 -4.65
N GLU A 143 -3.96 -13.97 -3.72
CA GLU A 143 -4.38 -15.36 -4.01
C GLU A 143 -5.90 -15.51 -4.03
N ASN A 144 -6.61 -14.58 -3.42
CA ASN A 144 -8.06 -14.61 -3.37
C ASN A 144 -8.57 -13.18 -3.13
N PRO A 145 -8.46 -12.33 -4.17
CA PRO A 145 -8.67 -10.91 -3.92
C PRO A 145 -10.11 -10.51 -3.61
N SER A 146 -10.20 -9.57 -2.69
CA SER A 146 -11.44 -9.00 -2.24
C SER A 146 -11.19 -7.52 -1.95
N TRP A 147 -12.20 -6.68 -2.13
CA TRP A 147 -12.20 -5.32 -1.61
C TRP A 147 -13.48 -5.18 -0.79
N ASP A 148 -13.32 -5.20 0.53
CA ASP A 148 -14.45 -5.38 1.42
C ASP A 148 -14.39 -4.41 2.59
N VAL A 149 -15.46 -4.45 3.39
CA VAL A 149 -15.60 -3.55 4.54
C VAL A 149 -14.49 -3.66 5.58
N HIS A 150 -13.92 -4.86 5.77
CA HIS A 150 -12.87 -5.08 6.76
C HIS A 150 -11.55 -4.39 6.30
N ILE A 151 -11.18 -4.58 5.04
CA ILE A 151 -9.97 -3.95 4.51
C ILE A 151 -10.17 -2.44 4.42
N PHE A 152 -11.34 -2.01 3.97
CA PHE A 152 -11.61 -0.57 3.85
C PHE A 152 -11.62 0.11 5.24
N GLU A 153 -12.16 -0.56 6.25
CA GLU A 153 -12.15 0.00 7.61
C GLU A 153 -10.72 0.18 8.11
N ARG A 154 -9.85 -0.81 7.85
CA ARG A 154 -8.40 -0.66 8.12
C ARG A 154 -7.80 0.58 7.45
N TYR A 155 -8.08 0.71 6.16
CA TYR A 155 -7.56 1.86 5.39
C TYR A 155 -8.04 3.19 5.98
N LYS A 156 -9.33 3.28 6.25
CA LYS A 156 -9.91 4.46 6.89
C LYS A 156 -9.29 4.77 8.27
N SER A 157 -9.05 3.73 9.06
CA SER A 157 -8.45 3.92 10.39
C SER A 157 -7.06 4.54 10.34
N VAL A 158 -6.27 4.08 9.38
CA VAL A 158 -4.93 4.61 9.17
C VAL A 158 -5.01 6.06 8.71
N ILE A 159 -5.86 6.33 7.73
CA ILE A 159 -6.11 7.69 7.22
C ILE A 159 -6.50 8.65 8.38
N ASP A 160 -7.41 8.20 9.22
CA ASP A 160 -7.86 9.01 10.35
C ASP A 160 -6.80 9.22 11.41
N ALA A 161 -5.93 8.23 11.57
CA ALA A 161 -4.81 8.31 12.51
C ALA A 161 -3.69 9.20 12.07
N MET A 162 -3.45 9.30 10.75
CA MET A 162 -2.23 9.89 10.25
C MET A 162 -2.35 11.16 9.40
N SER A 163 -3.56 11.57 9.01
CA SER A 163 -3.69 12.64 8.02
C SER A 163 -3.49 14.07 8.59
N SER A 164 -3.47 14.21 9.91
CA SER A 164 -3.24 15.53 10.54
C SER A 164 -1.81 16.02 10.39
N PHE A 165 -0.88 15.15 10.01
CA PHE A 165 0.53 15.49 9.95
C PHE A 165 0.87 16.05 8.55
N PRO A 166 1.37 17.30 8.48
CA PRO A 166 1.81 17.90 7.21
C PRO A 166 2.93 17.12 6.52
N ASN A 167 3.75 16.43 7.30
CA ASN A 167 4.83 15.64 6.76
C ASN A 167 4.42 14.20 6.35
N LEU A 168 3.13 13.90 6.33
CA LEU A 168 2.63 12.66 5.71
C LEU A 168 2.62 12.91 4.20
N LEU A 169 3.61 12.36 3.50
CA LEU A 169 3.80 12.62 2.05
C LEU A 169 2.69 11.99 1.21
N GLY A 170 2.38 10.72 1.51
CA GLY A 170 1.40 9.99 0.72
C GLY A 170 1.12 8.62 1.29
N TYR A 171 0.05 8.02 0.80
CA TYR A 171 -0.39 6.67 1.22
C TYR A 171 -0.27 5.71 0.07
N PHE A 172 0.19 4.49 0.35
CA PHE A 172 0.08 3.40 -0.61
C PHE A 172 -1.20 2.57 -0.34
N ALA A 173 -2.02 2.42 -1.38
CA ALA A 173 -3.23 1.58 -1.31
C ALA A 173 -2.97 0.08 -1.54
N GLY A 174 -1.72 -0.28 -1.84
CA GLY A 174 -1.31 -1.66 -2.05
C GLY A 174 0.19 -1.76 -2.31
N ASN A 175 0.74 -2.94 -2.12
CA ASN A 175 2.16 -3.20 -2.33
C ASN A 175 2.31 -4.57 -2.98
N GLU A 176 2.72 -4.57 -4.25
CA GLU A 176 3.00 -5.79 -5.00
C GLU A 176 1.86 -6.78 -4.91
N VAL A 177 0.64 -6.32 -5.17
CA VAL A 177 -0.55 -7.17 -5.03
C VAL A 177 -0.54 -8.16 -6.20
N THR A 178 -0.83 -7.72 -7.41
CA THR A 178 -0.38 -8.46 -8.57
C THR A 178 1.14 -8.44 -8.53
N ASN A 179 1.75 -9.61 -8.63
CA ASN A 179 3.23 -9.69 -8.78
C ASN A 179 3.75 -10.56 -9.94
N ASP A 180 2.84 -11.23 -10.64
CA ASP A 180 3.20 -11.98 -11.87
C ASP A 180 1.94 -12.17 -12.72
N HIS A 181 2.11 -12.86 -13.85
CA HIS A 181 1.05 -13.07 -14.80
C HIS A 181 -0.09 -13.99 -14.32
N THR A 182 0.07 -14.65 -13.17
CA THR A 182 -0.97 -15.51 -12.61
C THR A 182 -1.97 -14.80 -11.67
N ASN A 183 -1.74 -13.53 -11.31
CA ASN A 183 -2.64 -12.84 -10.36
C ASN A 183 -2.94 -11.40 -10.73
N THR A 184 -3.00 -11.14 -12.04
CA THR A 184 -3.25 -9.81 -12.58
C THR A 184 -4.68 -9.36 -12.25
N PHE A 185 -5.59 -10.34 -12.13
CA PHE A 185 -6.96 -10.09 -11.68
C PHE A 185 -7.12 -9.53 -10.25
N ALA A 186 -6.04 -9.43 -9.46
CA ALA A 186 -6.09 -8.67 -8.20
C ALA A 186 -6.12 -7.14 -8.40
N SER A 187 -5.62 -6.65 -9.52
CA SER A 187 -5.41 -5.19 -9.69
C SER A 187 -6.68 -4.32 -9.70
N PRO A 188 -7.80 -4.83 -10.24
CA PRO A 188 -9.03 -4.04 -10.12
C PRO A 188 -9.47 -3.80 -8.68
N PHE A 189 -9.14 -4.72 -7.77
CA PHE A 189 -9.45 -4.53 -6.35
C PHE A 189 -8.58 -3.40 -5.78
N VAL A 190 -7.32 -3.36 -6.18
CA VAL A 190 -6.42 -2.29 -5.74
C VAL A 190 -6.89 -0.93 -6.28
N LYS A 191 -7.29 -0.89 -7.55
CA LYS A 191 -7.81 0.36 -8.12
C LYS A 191 -9.07 0.85 -7.42
N ALA A 192 -9.96 -0.06 -7.06
CA ALA A 192 -11.13 0.30 -6.25
C ALA A 192 -10.71 0.90 -4.90
N ALA A 193 -9.67 0.30 -4.31
CA ALA A 193 -9.12 0.77 -3.04
C ALA A 193 -8.53 2.17 -3.16
N ILE A 194 -7.84 2.43 -4.28
CA ILE A 194 -7.32 3.78 -4.58
C ILE A 194 -8.47 4.79 -4.68
N ARG A 195 -9.46 4.47 -5.51
CA ARG A 195 -10.67 5.30 -5.65
C ARG A 195 -11.32 5.61 -4.30
N ASP A 196 -11.52 4.57 -3.49
CA ASP A 196 -12.30 4.73 -2.27
C ASP A 196 -11.51 5.44 -1.17
N ALA A 197 -10.21 5.18 -1.06
CA ALA A 197 -9.35 5.92 -0.15
C ALA A 197 -9.33 7.42 -0.51
N LYS A 198 -9.16 7.72 -1.80
CA LYS A 198 -9.16 9.12 -2.28
C LYS A 198 -10.50 9.80 -1.99
N GLU A 199 -11.60 9.08 -2.20
CA GLU A 199 -12.91 9.65 -1.95
C GLU A 199 -13.14 9.89 -0.47
N TYR A 200 -12.72 8.94 0.36
CA TYR A 200 -12.82 9.09 1.81
C TYR A 200 -12.01 10.30 2.30
N ILE A 201 -10.79 10.45 1.78
CA ILE A 201 -9.95 11.60 2.09
C ILE A 201 -10.63 12.90 1.60
N SER A 202 -11.18 12.89 0.38
CA SER A 202 -11.82 14.06 -0.21
C SER A 202 -13.01 14.53 0.63
N HIS A 203 -13.81 13.59 1.10
CA HIS A 203 -15.00 13.89 1.92
C HIS A 203 -14.67 14.22 3.41
N SER A 204 -13.48 13.83 3.86
CA SER A 204 -13.00 14.18 5.19
C SER A 204 -12.61 15.65 5.26
N ASN A 205 -12.36 16.11 6.48
CA ASN A 205 -11.79 17.43 6.71
C ASN A 205 -10.26 17.51 6.49
N HIS A 206 -9.62 16.39 6.15
CA HIS A 206 -8.16 16.32 6.13
C HIS A 206 -7.60 16.97 4.87
N ARG A 207 -6.33 17.35 4.94
CA ARG A 207 -5.53 17.72 3.75
C ARG A 207 -5.63 16.54 2.76
N LYS A 208 -5.65 16.86 1.47
CA LYS A 208 -5.83 15.82 0.45
C LYS A 208 -4.50 15.11 0.11
N ILE A 209 -4.11 14.24 1.04
CA ILE A 209 -2.89 13.47 0.93
C ILE A 209 -3.06 12.52 -0.25
N PRO A 210 -2.08 12.49 -1.18
CA PRO A 210 -2.24 11.62 -2.34
C PRO A 210 -2.16 10.12 -1.99
N VAL A 211 -2.83 9.32 -2.82
CA VAL A 211 -2.93 7.87 -2.63
C VAL A 211 -2.37 7.22 -3.90
N GLY A 212 -1.32 6.43 -3.75
CA GLY A 212 -0.68 5.76 -4.87
C GLY A 212 -0.54 4.26 -4.68
N TYR A 213 0.42 3.69 -5.43
CA TYR A 213 0.63 2.26 -5.48
C TYR A 213 2.10 1.94 -5.55
N SER A 214 2.48 0.80 -4.95
CA SER A 214 3.82 0.29 -4.99
C SER A 214 3.83 -1.07 -5.67
N THR A 215 4.64 -1.19 -6.73
CA THR A 215 4.67 -2.39 -7.57
C THR A 215 6.04 -3.06 -7.54
N ASN A 216 6.08 -4.33 -7.97
CA ASN A 216 7.34 -5.06 -8.10
C ASN A 216 7.95 -4.82 -9.50
N ASP A 217 8.81 -5.72 -9.98
CA ASP A 217 9.54 -5.48 -11.23
C ASP A 217 9.58 -6.74 -12.09
N ASP A 218 8.42 -7.34 -12.30
CA ASP A 218 8.29 -8.58 -13.08
C ASP A 218 8.20 -8.23 -14.56
N ALA A 219 9.07 -8.82 -15.39
CA ALA A 219 9.18 -8.43 -16.81
C ALA A 219 7.88 -8.61 -17.58
N MET A 220 7.17 -9.70 -17.34
CA MET A 220 5.97 -9.99 -18.12
C MET A 220 4.81 -9.02 -17.82
N THR A 221 4.74 -8.50 -16.60
CA THR A 221 3.61 -7.65 -16.14
C THR A 221 3.86 -6.14 -15.95
N ARG A 222 5.12 -5.70 -15.89
CA ARG A 222 5.40 -4.32 -15.45
C ARG A 222 4.82 -3.20 -16.30
N ASP A 223 4.88 -3.34 -17.62
CA ASP A 223 4.35 -2.30 -18.52
C ASP A 223 2.83 -2.23 -18.41
N ASN A 224 2.17 -3.39 -18.37
CA ASN A 224 0.71 -3.46 -18.21
C ASN A 224 0.24 -2.90 -16.86
N LEU A 225 0.94 -3.24 -15.79
CA LEU A 225 0.65 -2.66 -14.47
C LEU A 225 0.80 -1.13 -14.45
N ALA A 226 1.88 -0.61 -15.02
CA ALA A 226 2.11 0.84 -15.04
C ALA A 226 0.98 1.56 -15.79
N ARG A 227 0.61 1.03 -16.95
CA ARG A 227 -0.53 1.58 -17.71
C ARG A 227 -1.90 1.43 -17.01
N TYR A 228 -2.15 0.27 -16.41
CA TYR A 228 -3.42 -0.01 -15.74
C TYR A 228 -3.73 0.97 -14.62
N PHE A 229 -2.70 1.31 -13.84
CA PHE A 229 -2.90 2.22 -12.70
C PHE A 229 -3.06 3.70 -13.06
N VAL A 230 -2.89 4.05 -14.34
CA VAL A 230 -3.26 5.37 -14.84
C VAL A 230 -4.36 5.35 -15.92
N CYS A 231 -4.99 4.20 -16.13
CA CYS A 231 -6.00 4.06 -17.19
C CYS A 231 -7.41 4.33 -16.70
N GLY A 232 -8.29 4.62 -17.65
CA GLY A 232 -9.71 4.75 -17.38
C GLY A 232 -10.01 5.93 -16.48
N ASP A 233 -10.98 5.76 -15.59
CA ASP A 233 -11.54 6.85 -14.76
C ASP A 233 -10.94 6.96 -13.36
N VAL A 234 -10.12 5.98 -12.96
CA VAL A 234 -9.53 5.96 -11.63
C VAL A 234 -8.04 5.79 -11.83
N LYS A 235 -7.26 6.65 -11.17
CA LYS A 235 -5.82 6.67 -11.35
C LYS A 235 -5.14 6.71 -9.98
N ALA A 236 -4.02 6.02 -9.86
CA ALA A 236 -3.11 6.25 -8.75
C ALA A 236 -2.65 7.71 -8.79
N ASP A 237 -2.40 8.33 -7.64
CA ASP A 237 -1.80 9.69 -7.62
C ASP A 237 -0.30 9.68 -7.89
N PHE A 238 0.36 8.59 -7.52
CA PHE A 238 1.78 8.39 -7.76
C PHE A 238 2.08 6.89 -7.82
N TYR A 239 3.28 6.56 -8.28
CA TYR A 239 3.63 5.17 -8.59
C TYR A 239 5.05 4.87 -8.15
N GLY A 240 5.18 3.99 -7.17
CA GLY A 240 6.49 3.57 -6.68
C GLY A 240 6.83 2.20 -7.25
N ILE A 241 8.07 2.01 -7.69
CA ILE A 241 8.55 0.70 -8.13
C ILE A 241 9.57 0.21 -7.12
N ASN A 242 9.45 -1.05 -6.70
CA ASN A 242 10.45 -1.70 -5.87
C ASN A 242 11.54 -2.25 -6.82
N MET A 243 12.62 -1.47 -6.94
CA MET A 243 13.55 -1.53 -8.05
C MET A 243 14.89 -2.07 -7.57
N TYR A 244 15.21 -3.30 -7.95
CA TYR A 244 16.46 -3.96 -7.54
C TYR A 244 17.39 -4.35 -8.70
N GLU A 245 17.24 -3.71 -9.84
CA GLU A 245 18.00 -4.06 -11.04
C GLU A 245 19.48 -3.70 -10.95
N TRP A 246 19.81 -2.64 -10.21
CA TRP A 246 21.21 -2.20 -10.03
C TRP A 246 21.86 -2.90 -8.84
N CYS A 247 22.81 -3.77 -9.13
CA CYS A 247 23.57 -4.47 -8.09
C CYS A 247 25.04 -4.14 -8.24
N GLY A 248 25.71 -3.92 -7.11
CA GLY A 248 27.15 -3.70 -7.09
C GLY A 248 27.50 -2.47 -7.90
N TYR A 249 28.65 -2.52 -8.57
CA TYR A 249 29.18 -1.37 -9.30
C TYR A 249 28.68 -1.41 -10.75
N SER A 250 27.36 -1.23 -10.91
CA SER A 250 26.73 -1.31 -12.22
C SER A 250 26.77 0.07 -12.88
N THR A 251 26.09 0.21 -14.02
CA THR A 251 25.99 1.48 -14.71
C THR A 251 24.54 1.73 -15.16
N TYR A 252 24.26 2.99 -15.52
CA TYR A 252 22.97 3.42 -16.07
C TYR A 252 22.49 2.55 -17.24
N GLY A 253 23.39 2.27 -18.19
CA GLY A 253 23.06 1.46 -19.35
C GLY A 253 22.89 -0.01 -19.05
N THR A 254 23.86 -0.61 -18.38
CA THR A 254 23.84 -2.06 -18.14
C THR A 254 22.87 -2.52 -17.06
N SER A 255 22.54 -1.66 -16.09
CA SER A 255 21.63 -2.06 -14.99
C SER A 255 20.21 -2.34 -15.47
N GLY A 256 19.77 -1.57 -16.46
CA GLY A 256 18.38 -1.54 -16.88
C GLY A 256 17.73 -0.19 -16.62
N TYR A 257 18.37 0.63 -15.78
CA TYR A 257 17.86 1.97 -15.44
C TYR A 257 17.59 2.86 -16.67
N ARG A 258 18.43 2.73 -17.70
CA ARG A 258 18.24 3.50 -18.93
C ARG A 258 16.93 3.13 -19.63
N GLU A 259 16.67 1.84 -19.81
CA GLU A 259 15.39 1.40 -20.41
C GLU A 259 14.16 1.67 -19.51
N ARG A 260 14.29 1.52 -18.19
CA ARG A 260 13.17 1.88 -17.28
C ARG A 260 12.83 3.36 -17.43
N THR A 261 13.87 4.19 -17.47
CA THR A 261 13.71 5.63 -17.60
C THR A 261 13.02 6.02 -18.92
N LYS A 262 13.37 5.33 -20.00
CA LYS A 262 12.77 5.60 -21.31
C LYS A 262 11.30 5.18 -21.35
N GLU A 263 10.97 4.00 -20.84
CA GLU A 263 9.56 3.60 -20.75
C GLU A 263 8.68 4.51 -19.84
N PHE A 264 9.27 5.18 -18.84
CA PHE A 264 8.51 6.12 -17.98
C PHE A 264 8.54 7.61 -18.37
N GLU A 265 9.30 7.99 -19.40
CA GLU A 265 9.23 9.36 -19.95
C GLU A 265 7.78 9.74 -20.30
N GLY A 266 7.31 10.87 -19.76
CA GLY A 266 5.94 11.33 -20.01
C GLY A 266 4.82 10.62 -19.25
N TYR A 267 5.16 9.70 -18.35
CA TYR A 267 4.16 9.02 -17.51
C TYR A 267 3.44 10.11 -16.70
N PRO A 268 2.11 10.05 -16.62
CA PRO A 268 1.37 11.24 -16.15
C PRO A 268 1.34 11.56 -14.65
N ILE A 269 1.89 10.67 -13.82
CA ILE A 269 1.94 10.87 -12.37
C ILE A 269 3.37 10.69 -11.88
N PRO A 270 3.69 11.25 -10.69
CA PRO A 270 5.04 11.08 -10.15
C PRO A 270 5.44 9.62 -9.97
N VAL A 271 6.68 9.31 -10.33
CA VAL A 271 7.18 7.95 -10.28
C VAL A 271 8.53 7.99 -9.58
N PHE A 272 8.75 7.01 -8.72
CA PHE A 272 9.97 6.92 -7.93
C PHE A 272 10.24 5.47 -7.58
N PHE A 273 11.41 5.22 -7.02
CA PHE A 273 11.72 3.88 -6.52
C PHE A 273 11.22 3.79 -5.09
N SER A 274 10.14 3.06 -4.89
CA SER A 274 9.59 2.87 -3.53
C SER A 274 10.50 2.00 -2.66
N GLU A 275 11.36 1.23 -3.31
CA GLU A 275 12.48 0.53 -2.69
C GLU A 275 13.62 0.49 -3.68
N PHE A 276 14.85 0.56 -3.18
CA PHE A 276 16.03 0.15 -3.95
C PHE A 276 17.12 -0.31 -3.00
N GLY A 277 18.12 -1.02 -3.55
CA GLY A 277 19.28 -1.46 -2.77
C GLY A 277 19.60 -2.94 -2.87
N CYS A 278 19.82 -3.41 -4.10
CA CYS A 278 20.19 -4.81 -4.35
C CYS A 278 21.46 -5.10 -3.56
N ASN A 279 21.48 -6.23 -2.86
CA ASN A 279 22.57 -6.55 -1.93
C ASN A 279 23.45 -7.70 -2.42
N LEU A 280 23.39 -8.03 -3.70
CA LEU A 280 24.23 -9.09 -4.30
C LEU A 280 25.71 -8.84 -3.96
N VAL A 281 26.14 -7.59 -4.07
CA VAL A 281 27.49 -7.18 -3.73
C VAL A 281 27.47 -6.31 -2.46
N ARG A 282 28.27 -6.69 -1.47
CA ARG A 282 28.36 -5.96 -0.20
C ARG A 282 29.82 -5.62 0.12
N PRO A 283 30.09 -4.56 0.90
CA PRO A 283 29.06 -3.62 1.36
C PRO A 283 28.48 -2.86 0.18
N ARG A 284 27.15 -2.64 0.21
CA ARG A 284 26.48 -1.98 -0.89
C ARG A 284 27.10 -0.61 -1.18
N PRO A 285 27.61 -0.42 -2.41
CA PRO A 285 28.16 0.88 -2.74
C PRO A 285 27.09 1.94 -2.98
N PHE A 286 25.85 1.52 -3.26
CA PHE A 286 24.75 2.45 -3.54
C PHE A 286 25.05 3.45 -4.68
N THR A 287 25.84 3.02 -5.66
CA THR A 287 26.19 3.88 -6.81
C THR A 287 24.99 4.19 -7.70
N GLU A 288 23.90 3.42 -7.58
CA GLU A 288 22.62 3.75 -8.21
C GLU A 288 22.09 5.14 -7.85
N VAL A 289 22.39 5.60 -6.63
CA VAL A 289 21.99 6.90 -6.14
C VAL A 289 22.55 8.04 -7.05
N SER A 290 23.80 7.91 -7.48
CA SER A 290 24.37 8.89 -8.45
C SER A 290 23.61 8.92 -9.77
N ALA A 291 23.19 7.75 -10.28
CA ALA A 291 22.37 7.71 -11.50
C ALA A 291 20.95 8.29 -11.27
N LEU A 292 20.31 7.86 -10.18
CA LEU A 292 18.94 8.27 -9.86
C LEU A 292 18.73 9.81 -9.75
N TYR A 293 19.67 10.50 -9.13
CA TYR A 293 19.59 11.96 -8.95
C TYR A 293 20.37 12.75 -10.01
N GLY A 294 20.98 12.05 -10.97
CA GLY A 294 21.69 12.69 -12.09
C GLY A 294 20.72 13.22 -13.13
N ASN A 295 21.27 13.82 -14.18
CA ASN A 295 20.47 14.60 -15.12
C ASN A 295 19.60 13.77 -16.06
N LYS A 296 20.08 12.59 -16.45
CA LYS A 296 19.26 11.67 -17.26
C LYS A 296 18.03 11.16 -16.51
N MET A 297 18.15 10.94 -15.20
CA MET A 297 17.04 10.36 -14.40
C MET A 297 16.19 11.38 -13.61
N SER A 298 16.78 12.51 -13.20
CA SER A 298 16.06 13.50 -12.37
C SER A 298 14.90 14.22 -13.08
N SER A 299 14.87 14.20 -14.41
CA SER A 299 13.74 14.75 -15.17
C SER A 299 12.57 13.77 -15.29
N VAL A 300 12.80 12.48 -14.99
CA VAL A 300 11.74 11.46 -15.02
C VAL A 300 11.32 11.02 -13.62
N TRP A 301 12.29 10.68 -12.77
CA TRP A 301 12.01 10.07 -11.47
C TRP A 301 12.00 11.11 -10.36
N SER A 302 11.15 10.87 -9.36
CA SER A 302 11.09 11.72 -8.17
C SER A 302 11.92 11.19 -7.02
N GLY A 303 13.01 10.45 -7.31
CA GLY A 303 13.91 9.95 -6.29
C GLY A 303 13.57 8.52 -5.87
N GLY A 304 13.90 8.16 -4.62
CA GLY A 304 13.62 6.81 -4.15
C GLY A 304 13.99 6.61 -2.70
N LEU A 305 13.67 5.42 -2.20
CA LEU A 305 13.92 5.04 -0.81
C LEU A 305 14.69 3.74 -0.73
N ALA A 306 15.83 3.80 -0.06
CA ALA A 306 16.67 2.63 0.15
C ALA A 306 15.95 1.62 1.02
N TYR A 307 16.14 0.34 0.73
CA TYR A 307 15.59 -0.71 1.57
C TYR A 307 16.77 -1.41 2.23
N MET A 308 16.98 -1.32 3.56
CA MET A 308 16.19 -0.54 4.52
C MET A 308 17.04 -0.18 5.74
N TYR A 309 16.42 0.46 6.73
CA TYR A 309 17.14 0.87 7.94
C TYR A 309 17.63 -0.31 8.79
N PHE A 310 16.69 -1.10 9.30
CA PHE A 310 17.00 -2.20 10.20
C PHE A 310 17.56 -3.43 9.47
N GLU A 311 18.60 -4.01 10.07
CA GLU A 311 19.10 -5.32 9.69
C GLU A 311 18.23 -6.34 10.40
N GLU A 312 17.60 -7.22 9.62
CA GLU A 312 16.75 -8.28 10.17
C GLU A 312 17.02 -9.64 9.49
N GLU A 313 18.27 -9.86 9.11
CA GLU A 313 18.74 -11.16 8.58
C GLU A 313 18.16 -11.51 7.20
N ASN A 314 17.70 -10.51 6.47
CA ASN A 314 17.65 -10.57 5.01
C ASN A 314 18.86 -9.81 4.45
N GLU A 315 19.75 -9.32 5.35
CA GLU A 315 20.98 -8.60 4.99
CA GLU A 315 20.99 -8.62 4.97
C GLU A 315 20.72 -7.37 4.12
N TYR A 316 19.68 -6.61 4.50
CA TYR A 316 19.32 -5.35 3.82
C TYR A 316 19.42 -4.10 4.71
N GLY A 317 19.83 -4.25 5.97
CA GLY A 317 19.95 -3.12 6.88
C GLY A 317 21.18 -2.26 6.65
N VAL A 318 21.13 -1.03 7.16
CA VAL A 318 22.33 -0.17 7.31
C VAL A 318 22.74 0.02 8.78
N VAL A 319 21.86 -0.37 9.70
CA VAL A 319 22.19 -0.47 11.12
C VAL A 319 21.64 -1.78 11.65
N LYS A 320 22.13 -2.16 12.81
CA LYS A 320 21.74 -3.39 13.48
C LYS A 320 21.47 -3.07 14.94
N ILE A 321 20.31 -3.46 15.46
CA ILE A 321 19.98 -3.23 16.87
C ILE A 321 20.51 -4.38 17.73
N ASN A 322 21.49 -4.10 18.60
CA ASN A 322 22.07 -5.14 19.48
C ASN A 322 21.09 -5.65 20.55
N ASP A 323 21.53 -6.59 21.39
CA ASP A 323 20.66 -7.15 22.45
C ASP A 323 20.36 -6.16 23.59
N ASN A 324 21.19 -5.13 23.72
CA ASN A 324 20.97 -4.02 24.66
C ASN A 324 20.08 -2.89 24.07
N ASP A 325 19.50 -3.11 22.88
CA ASP A 325 18.67 -2.12 22.15
C ASP A 325 19.44 -0.88 21.67
N GLY A 326 20.76 -0.98 21.53
CA GLY A 326 21.59 0.08 20.97
C GLY A 326 21.75 -0.07 19.46
N VAL A 327 22.06 1.03 18.80
CA VAL A 327 22.29 1.07 17.34
C VAL A 327 23.75 0.82 16.99
N ASP A 328 24.01 -0.23 16.20
CA ASP A 328 25.33 -0.50 15.66
C ASP A 328 25.31 -0.26 14.16
N ILE A 329 26.10 0.72 13.71
CA ILE A 329 26.20 1.10 12.30
C ILE A 329 26.90 -0.03 11.52
N LEU A 330 26.36 -0.37 10.35
CA LEU A 330 26.91 -1.43 9.49
C LEU A 330 27.69 -0.78 8.31
N PRO A 331 28.53 -1.56 7.60
CA PRO A 331 29.40 -0.93 6.57
C PRO A 331 28.68 -0.24 5.37
N ASP A 332 27.45 -0.66 5.08
CA ASP A 332 26.58 0.01 4.09
C ASP A 332 26.27 1.49 4.41
N PHE A 333 26.18 1.80 5.70
CA PHE A 333 25.72 3.11 6.20
C PHE A 333 26.47 4.28 5.56
N LYS A 334 27.79 4.23 5.64
CA LYS A 334 28.65 5.31 5.14
C LYS A 334 28.54 5.49 3.62
N ASN A 335 28.32 4.40 2.90
CA ASN A 335 28.16 4.48 1.45
C ASN A 335 26.84 5.14 1.04
N LEU A 336 25.77 4.83 1.77
CA LEU A 336 24.48 5.49 1.53
C LEU A 336 24.57 6.97 1.90
N LYS A 337 25.12 7.24 3.08
CA LYS A 337 25.35 8.61 3.56
C LYS A 337 26.13 9.45 2.53
N LYS A 338 27.25 8.90 2.05
CA LYS A 338 28.11 9.61 1.09
C LYS A 338 27.36 9.89 -0.21
N GLU A 339 26.62 8.90 -0.70
CA GLU A 339 25.88 9.05 -1.96
C GLU A 339 24.71 10.04 -1.88
N PHE A 340 23.92 9.97 -0.81
CA PHE A 340 22.84 10.95 -0.60
C PHE A 340 23.41 12.38 -0.44
N ALA A 341 24.53 12.51 0.28
CA ALA A 341 25.21 13.81 0.47
C ALA A 341 25.68 14.45 -0.85
N LYS A 342 26.19 13.62 -1.75
CA LYS A 342 26.64 14.04 -3.08
C LYS A 342 25.49 14.35 -4.03
N ALA A 343 24.39 13.61 -3.89
CA ALA A 343 23.20 13.77 -4.74
C ALA A 343 22.64 15.19 -4.69
N ASP A 344 22.42 15.78 -5.86
CA ASP A 344 22.00 17.17 -6.00
C ASP A 344 21.09 17.23 -7.23
N PRO A 345 19.85 16.70 -7.10
CA PRO A 345 18.97 16.65 -8.27
C PRO A 345 18.55 18.04 -8.72
N LYS A 346 18.75 18.34 -10.00
CA LYS A 346 18.34 19.62 -10.57
C LYS A 346 16.91 19.44 -11.02
N GLY A 347 15.99 20.02 -10.27
CA GLY A 347 14.58 19.90 -10.55
C GLY A 347 14.10 21.09 -11.32
N ILE A 348 12.79 21.31 -11.27
CA ILE A 348 12.19 22.50 -11.82
C ILE A 348 11.36 23.15 -10.72
N THR A 349 10.66 24.22 -11.06
CA THR A 349 9.75 24.85 -10.15
C THR A 349 8.35 24.67 -10.71
N GLU A 350 7.38 24.80 -9.81
CA GLU A 350 5.96 24.65 -10.10
C GLU A 350 5.43 25.59 -11.18
N GLU A 351 5.87 26.85 -11.17
CA GLU A 351 5.33 27.83 -12.11
C GLU A 351 5.78 27.57 -13.55
N GLU A 352 7.03 27.18 -13.76
CA GLU A 352 7.55 26.93 -15.11
C GLU A 352 7.06 25.61 -15.70
N TYR A 353 6.97 24.59 -14.86
CA TYR A 353 6.34 23.32 -15.25
C TYR A 353 4.93 23.54 -15.80
N LEU A 354 4.12 24.34 -15.12
CA LEU A 354 2.71 24.57 -15.50
C LEU A 354 2.51 25.05 -16.95
N THR A 355 3.54 25.64 -17.56
CA THR A 355 3.57 25.83 -19.02
C THR A 355 4.31 24.65 -19.65
N SER A 364 -8.36 10.48 -21.38
CA SER A 364 -7.96 9.41 -20.46
C SER A 364 -7.15 8.35 -21.20
N VAL A 365 -6.34 7.59 -20.46
CA VAL A 365 -5.44 6.61 -21.10
C VAL A 365 -6.13 5.24 -21.17
N GLU A 366 -5.84 4.52 -22.25
CA GLU A 366 -6.52 3.27 -22.53
C GLU A 366 -5.99 2.16 -21.60
N CYS A 367 -6.90 1.35 -21.10
CA CYS A 367 -6.53 0.24 -20.24
C CYS A 367 -5.99 -0.89 -21.10
N PRO A 368 -4.95 -1.61 -20.62
CA PRO A 368 -4.46 -2.76 -21.39
C PRO A 368 -5.56 -3.75 -21.72
N HIS A 369 -5.49 -4.34 -22.91
CA HIS A 369 -6.47 -5.32 -23.36
C HIS A 369 -6.26 -6.64 -22.62
N ILE A 370 -7.33 -7.40 -22.48
CA ILE A 370 -7.32 -8.67 -21.81
C ILE A 370 -6.70 -9.72 -22.74
N ALA A 371 -5.83 -10.55 -22.19
CA ALA A 371 -5.26 -11.69 -22.91
C ALA A 371 -5.08 -12.83 -21.91
N VAL A 372 -5.68 -13.98 -22.19
CA VAL A 372 -5.73 -15.07 -21.20
C VAL A 372 -4.29 -15.49 -20.84
N GLY A 373 -4.04 -15.63 -19.54
CA GLY A 373 -2.71 -15.99 -19.05
C GLY A 373 -1.64 -14.93 -19.10
N VAL A 374 -2.00 -13.72 -19.52
CA VAL A 374 -1.04 -12.63 -19.68
C VAL A 374 -1.48 -11.40 -18.91
N TRP A 375 -2.70 -10.94 -19.21
CA TRP A 375 -3.28 -9.78 -18.54
C TRP A 375 -4.79 -9.95 -18.41
N GLU A 376 -5.25 -10.07 -17.15
CA GLU A 376 -6.64 -10.39 -16.84
C GLU A 376 -7.23 -9.43 -15.77
N ALA A 377 -6.85 -8.16 -15.80
CA ALA A 377 -7.43 -7.15 -14.94
C ALA A 377 -8.52 -6.40 -15.71
N ASN A 378 -9.78 -6.65 -15.36
CA ASN A 378 -10.90 -5.98 -16.03
C ASN A 378 -10.87 -4.49 -15.72
N GLU A 379 -11.29 -3.66 -16.68
CA GLU A 379 -11.41 -2.23 -16.43
C GLU A 379 -12.50 -1.94 -15.38
N LYS A 380 -13.55 -2.75 -15.37
CA LYS A 380 -14.65 -2.58 -14.42
C LYS A 380 -14.18 -2.95 -13.02
N LEU A 381 -14.47 -2.07 -12.07
CA LEU A 381 -13.94 -2.20 -10.72
C LEU A 381 -15.04 -2.59 -9.75
N PRO A 382 -14.67 -3.26 -8.66
CA PRO A 382 -15.69 -3.51 -7.65
C PRO A 382 -16.23 -2.23 -7.04
N GLU A 383 -17.43 -2.33 -6.48
CA GLU A 383 -18.10 -1.20 -5.86
C GLU A 383 -17.43 -0.81 -4.54
N THR A 384 -17.75 0.40 -4.09
CA THR A 384 -17.32 0.87 -2.80
C THR A 384 -17.96 0.03 -1.69
N PRO A 385 -17.14 -0.58 -0.82
CA PRO A 385 -17.72 -1.35 0.27
C PRO A 385 -18.63 -0.53 1.15
N ASP A 386 -19.78 -1.09 1.49
CA ASP A 386 -20.84 -0.36 2.15
C ASP A 386 -21.05 -0.92 3.57
N ARG A 387 -20.49 -0.22 4.56
CA ARG A 387 -20.57 -0.66 5.95
C ARG A 387 -22.02 -0.77 6.45
N SER A 388 -22.87 0.19 6.07
CA SER A 388 -24.30 0.17 6.51
C SER A 388 -25.04 -1.03 6.01
N LYS A 389 -24.88 -1.30 4.71
CA LYS A 389 -25.51 -2.42 4.05
C LYS A 389 -25.05 -3.72 4.68
N CYS A 390 -23.74 -3.88 4.82
CA CYS A 390 -23.19 -5.10 5.38
C CYS A 390 -23.54 -5.20 6.89
N ALA A 391 -23.54 -4.08 7.61
CA ALA A 391 -24.01 -4.07 9.00
C ALA A 391 -25.48 -4.49 9.17
N CYS A 392 -26.31 -4.22 8.16
CA CYS A 392 -27.69 -4.74 8.09
C CYS A 392 -27.77 -6.24 8.17
N LEU A 393 -26.82 -6.94 7.53
CA LEU A 393 -26.77 -8.40 7.62
C LEU A 393 -26.59 -8.89 9.05
N ASP A 394 -25.80 -8.17 9.85
CA ASP A 394 -25.63 -8.50 11.27
C ASP A 394 -26.93 -8.32 12.07
N GLU A 395 -27.75 -7.35 11.67
CA GLU A 395 -29.03 -7.07 12.32
C GLU A 395 -30.14 -8.05 11.95
N ILE A 396 -30.27 -8.37 10.66
CA ILE A 396 -31.47 -9.06 10.14
C ILE A 396 -31.32 -10.55 9.85
N LEU A 397 -30.10 -11.07 9.71
CA LEU A 397 -29.91 -12.47 9.30
C LEU A 397 -30.28 -13.42 10.43
N PRO A 398 -31.05 -14.49 10.13
CA PRO A 398 -31.40 -15.44 11.19
C PRO A 398 -30.21 -16.24 11.74
N CYS A 399 -29.25 -16.58 10.88
CA CYS A 399 -28.11 -17.42 11.24
C CYS A 399 -26.80 -16.73 10.98
N GLU A 400 -25.97 -16.67 12.02
CA GLU A 400 -24.73 -15.90 11.98
C GLU A 400 -23.56 -16.77 12.38
N ILE A 401 -22.37 -16.31 11.99
CA ILE A 401 -21.12 -17.00 12.33
C ILE A 401 -20.10 -15.98 12.84
N VAL A 402 -19.56 -16.24 14.03
CA VAL A 402 -18.50 -15.40 14.56
C VAL A 402 -17.20 -15.75 13.82
N PRO A 403 -16.33 -14.74 13.61
CA PRO A 403 -15.00 -15.01 13.05
C PRO A 403 -14.11 -15.77 14.05
N GLY A 409 -9.01 -22.54 7.88
CA GLY A 409 -9.50 -23.83 7.42
C GLY A 409 -11.02 -23.92 7.31
N LYS A 410 -11.72 -23.41 8.32
CA LYS A 410 -13.20 -23.53 8.37
C LYS A 410 -13.94 -22.76 7.25
N TYR A 411 -13.42 -21.60 6.83
CA TYR A 411 -14.03 -20.83 5.74
C TYR A 411 -14.12 -21.64 4.46
N GLU A 412 -12.99 -22.23 4.07
CA GLU A 412 -12.91 -23.15 2.93
C GLU A 412 -13.94 -24.27 3.00
N GLU A 413 -13.95 -24.99 4.12
CA GLU A 413 -14.86 -26.13 4.30
C GLU A 413 -16.32 -25.68 4.23
N TYR A 414 -16.64 -24.62 4.95
CA TYR A 414 -18.03 -24.18 5.06
C TYR A 414 -18.54 -23.43 3.83
N PHE A 415 -17.69 -22.66 3.14
CA PHE A 415 -18.09 -22.10 1.82
C PHE A 415 -18.32 -23.25 0.85
N SER A 416 -17.42 -24.24 0.84
CA SER A 416 -17.60 -25.41 -0.02
C SER A 416 -18.88 -26.17 0.32
N TYR A 417 -19.16 -26.37 1.61
CA TYR A 417 -20.41 -27.01 2.02
C TYR A 417 -21.62 -26.17 1.64
N LEU A 418 -21.65 -24.91 2.09
CA LEU A 418 -22.82 -24.06 1.88
C LEU A 418 -23.06 -23.73 0.42
N CYS A 419 -21.99 -23.48 -0.34
CA CYS A 419 -22.13 -23.13 -1.75
C CYS A 419 -22.46 -24.32 -2.68
N SER A 420 -22.51 -25.54 -2.14
CA SER A 420 -23.11 -26.69 -2.84
C SER A 420 -24.65 -26.75 -2.68
N LYS A 421 -25.16 -26.07 -1.65
CA LYS A 421 -26.58 -26.10 -1.31
C LYS A 421 -27.35 -24.87 -1.75
N VAL A 422 -26.69 -23.70 -1.71
CA VAL A 422 -27.28 -22.45 -2.17
C VAL A 422 -26.35 -21.81 -3.17
N ASP A 423 -26.89 -20.81 -3.87
CA ASP A 423 -26.13 -20.11 -4.90
C ASP A 423 -25.33 -18.97 -4.27
N CYS A 424 -24.01 -19.13 -4.26
CA CYS A 424 -23.09 -18.14 -3.65
C CYS A 424 -22.62 -17.02 -4.60
N SER A 425 -23.24 -16.86 -5.76
CA SER A 425 -22.87 -15.81 -6.72
CA SER A 425 -22.80 -15.84 -6.71
C SER A 425 -22.89 -14.43 -6.10
N ASP A 426 -23.85 -14.20 -5.18
CA ASP A 426 -23.98 -12.90 -4.53
C ASP A 426 -22.80 -12.45 -3.65
N ILE A 427 -21.85 -13.35 -3.38
CA ILE A 427 -20.64 -13.00 -2.64
C ILE A 427 -19.36 -13.23 -3.43
N LEU A 428 -19.45 -13.62 -4.69
CA LEU A 428 -18.25 -13.85 -5.49
C LEU A 428 -17.83 -12.55 -6.20
N ALA A 429 -16.53 -12.42 -6.40
CA ALA A 429 -15.94 -11.21 -6.99
C ALA A 429 -14.92 -11.72 -7.96
N ASN A 430 -15.05 -11.33 -9.24
CA ASN A 430 -14.17 -11.83 -10.28
C ASN A 430 -13.56 -10.63 -11.03
N GLY A 431 -12.29 -10.37 -10.74
CA GLY A 431 -11.54 -9.26 -11.36
C GLY A 431 -11.18 -9.46 -12.82
N LYS A 432 -11.25 -10.68 -13.34
CA LYS A 432 -11.02 -10.97 -14.77
C LYS A 432 -12.24 -10.56 -15.59
N THR A 433 -13.40 -11.04 -15.16
CA THR A 433 -14.68 -10.82 -15.87
C THR A 433 -15.41 -9.56 -15.46
N GLY A 434 -15.00 -8.93 -14.34
CA GLY A 434 -15.63 -7.70 -13.90
C GLY A 434 -17.03 -7.93 -13.34
N GLU A 435 -17.26 -9.14 -12.82
CA GLU A 435 -18.51 -9.52 -12.19
C GLU A 435 -18.34 -9.57 -10.70
N TYR A 436 -19.08 -8.72 -9.99
CA TYR A 436 -18.93 -8.58 -8.54
C TYR A 436 -20.29 -8.73 -7.89
N GLY A 437 -20.42 -9.71 -7.02
CA GLY A 437 -21.70 -9.99 -6.38
C GLY A 437 -22.15 -8.84 -5.48
N GLU A 438 -23.46 -8.77 -5.26
CA GLU A 438 -24.07 -7.66 -4.52
C GLU A 438 -23.52 -7.55 -3.08
N PHE A 439 -23.22 -8.70 -2.46
CA PHE A 439 -22.65 -8.70 -1.09
C PHE A 439 -21.17 -9.11 -1.06
N SER A 440 -20.50 -9.03 -2.21
CA SER A 440 -19.10 -9.41 -2.31
C SER A 440 -18.15 -8.44 -1.55
N ASP A 441 -18.67 -7.27 -1.21
CA ASP A 441 -17.98 -6.27 -0.39
C ASP A 441 -18.13 -6.42 1.12
N CYS A 442 -18.92 -7.40 1.59
CA CYS A 442 -19.09 -7.62 3.01
C CYS A 442 -17.95 -8.48 3.54
N SER A 443 -17.84 -8.55 4.86
CA SER A 443 -16.74 -9.30 5.48
C SER A 443 -16.92 -10.80 5.22
N VAL A 444 -15.84 -11.57 5.37
CA VAL A 444 -15.89 -13.00 5.12
C VAL A 444 -16.97 -13.67 6.00
N GLU A 445 -17.07 -13.26 7.25
CA GLU A 445 -18.09 -13.83 8.17
C GLU A 445 -19.49 -13.42 7.77
N GLN A 446 -19.68 -12.17 7.39
CA GLN A 446 -20.99 -11.71 6.89
C GLN A 446 -21.42 -12.50 5.65
N LYS A 447 -20.48 -12.73 4.74
CA LYS A 447 -20.75 -13.48 3.51
C LYS A 447 -21.17 -14.92 3.80
N LEU A 448 -20.42 -15.56 4.70
CA LEU A 448 -20.69 -16.92 5.14
C LEU A 448 -22.06 -16.97 5.84
N SER A 449 -22.32 -16.00 6.72
CA SER A 449 -23.61 -15.87 7.42
C SER A 449 -24.81 -15.75 6.47
N LEU A 450 -24.63 -14.97 5.39
CA LEU A 450 -25.67 -14.83 4.37
C LEU A 450 -26.03 -16.18 3.76
N GLN A 451 -25.01 -16.97 3.43
CA GLN A 451 -25.25 -18.27 2.78
C GLN A 451 -25.88 -19.25 3.78
N LEU A 452 -25.38 -19.27 5.00
CA LEU A 452 -26.00 -20.09 6.07
C LEU A 452 -27.49 -19.75 6.23
N SER A 453 -27.79 -18.45 6.29
CA SER A 453 -29.18 -17.98 6.43
C SER A 453 -30.05 -18.32 5.21
N LYS A 454 -29.50 -18.23 4.01
CA LYS A 454 -30.24 -18.71 2.82
C LYS A 454 -30.62 -20.19 2.96
N LEU A 455 -29.67 -21.01 3.40
CA LEU A 455 -29.95 -22.45 3.61
C LEU A 455 -31.04 -22.67 4.68
N TYR A 456 -30.95 -21.89 5.76
CA TYR A 456 -31.96 -21.94 6.82
C TYR A 456 -33.36 -21.61 6.29
N CYS A 457 -33.47 -20.57 5.46
CA CYS A 457 -34.77 -20.17 4.91
C CYS A 457 -35.29 -21.17 3.87
N LYS A 458 -34.38 -21.83 3.15
CA LYS A 458 -34.77 -22.83 2.15
C LYS A 458 -35.27 -24.11 2.81
N ILE A 459 -34.70 -24.49 3.95
CA ILE A 459 -35.23 -25.60 4.76
C ILE A 459 -36.63 -25.25 5.29
N GLY A 460 -36.80 -24.04 5.81
CA GLY A 460 -38.11 -23.54 6.22
C GLY A 460 -38.72 -24.15 7.48
N ALA A 461 -37.88 -24.72 8.35
CA ALA A 461 -38.34 -25.28 9.63
C ALA A 461 -38.78 -24.18 10.58
N ASN A 462 -38.05 -23.06 10.57
CA ASN A 462 -38.37 -21.88 11.38
C ASN A 462 -38.32 -22.24 12.87
N ASP A 463 -37.27 -22.98 13.24
CA ASP A 463 -37.14 -23.59 14.57
C ASP A 463 -35.89 -23.14 15.32
N ARG A 464 -35.26 -22.07 14.84
CA ARG A 464 -34.03 -21.51 15.41
C ARG A 464 -32.81 -22.44 15.38
N HIS A 465 -32.84 -23.45 14.52
CA HIS A 465 -31.73 -24.39 14.38
C HIS A 465 -31.02 -24.08 13.06
N CYS A 466 -29.90 -23.40 13.16
CA CYS A 466 -29.10 -23.04 11.99
C CYS A 466 -28.44 -24.29 11.44
N PRO A 467 -28.54 -24.53 10.10
CA PRO A 467 -28.11 -25.81 9.54
C PRO A 467 -26.59 -25.97 9.35
N LEU A 468 -25.85 -25.79 10.42
CA LEU A 468 -24.41 -26.00 10.41
C LEU A 468 -24.01 -26.19 11.87
N ASN A 469 -23.53 -27.39 12.20
CA ASN A 469 -23.14 -27.73 13.56
C ASN A 469 -21.65 -27.28 13.70
N ASP A 470 -21.45 -26.17 14.41
CA ASP A 470 -20.12 -25.58 14.68
C ASP A 470 -20.34 -24.56 15.80
N LYS A 471 -19.40 -24.49 16.72
CA LYS A 471 -19.53 -23.59 17.88
C LYS A 471 -19.63 -22.10 17.52
N ASN A 472 -19.06 -21.70 16.38
CA ASN A 472 -19.14 -20.30 15.92
C ASN A 472 -20.49 -19.89 15.31
N VAL A 473 -21.34 -20.88 15.02
CA VAL A 473 -22.68 -20.64 14.49
C VAL A 473 -23.66 -20.32 15.61
N TYR A 474 -24.51 -19.31 15.42
CA TYR A 474 -25.58 -19.03 16.36
C TYR A 474 -26.81 -18.45 15.67
N PHE A 475 -27.97 -18.71 16.26
CA PHE A 475 -29.20 -18.02 15.87
C PHE A 475 -29.17 -16.60 16.40
N ASN A 476 -29.45 -15.65 15.51
CA ASN A 476 -29.41 -14.21 15.81
C ASN A 476 -30.80 -13.73 16.25
N LEU A 477 -30.96 -13.51 17.56
CA LEU A 477 -32.27 -13.13 18.11
C LEU A 477 -32.79 -11.79 17.60
N GLU A 478 -31.89 -10.87 17.24
CA GLU A 478 -32.28 -9.60 16.62
C GLU A 478 -33.05 -9.77 15.29
N SER A 479 -32.87 -10.91 14.61
CA SER A 479 -33.61 -11.20 13.37
C SER A 479 -35.13 -11.29 13.59
N LEU A 480 -35.53 -11.65 14.81
CA LEU A 480 -36.94 -11.73 15.17
C LEU A 480 -37.64 -10.36 15.32
N GLN A 481 -36.88 -9.29 15.55
CA GLN A 481 -37.46 -7.94 15.74
C GLN A 481 -37.79 -7.33 14.36
N PRO A 482 -39.09 -7.10 14.05
CA PRO A 482 -39.47 -6.75 12.67
C PRO A 482 -39.27 -5.27 12.30
N CYS A 489 -32.88 -1.72 5.95
CA CYS A 489 -32.47 -3.08 5.61
C CYS A 489 -33.59 -3.84 4.90
C4 9PT B . 7.51 -5.54 4.83
C5 9PT B . 8.73 -4.69 4.49
C6 9PT B . 9.74 -4.41 5.58
C3 9PT B . 6.74 -5.78 3.54
CBR 9PT B . 12.02 -8.55 -4.08
CBS 9PT B . 11.63 -9.01 -5.34
CBP 9PT B . 12.59 -9.30 -6.29
CBT 9PT B . 13.93 -9.12 -5.99
CBY 9PT B . 14.87 -9.43 -6.99
CBX 9PT B . 16.23 -9.28 -6.75
CBW 9PT B . 16.67 -8.84 -5.50
CBV 9PT B . 15.73 -8.53 -4.49
CBU 9PT B . 14.35 -8.67 -4.72
NBQ 9PT B . 13.41 -8.38 -3.75
CBN 9PT B . 13.84 -7.90 -2.41
CBO 9PT B . 12.62 -7.77 -1.48
CAA 9PT B . 13.05 -7.01 -0.25
CAB 9PT B . 11.78 -6.96 0.62
CAC 9PT B . 11.00 -5.90 0.88
NAD 9PT B . 11.25 -8.00 1.26
NAE 9PT B . 10.26 -7.64 1.86
NAF 9PT B . 10.03 -6.39 1.66
C1 9PT B . 8.91 -5.65 2.29
C2 9PT B . 7.63 -6.47 2.50
O2 9PT B . 6.95 -6.56 1.26
O5 9PT B . 9.52 -5.39 3.54
O6 9PT B . 9.32 -5.03 6.79
O4 9PT B . 6.65 -4.90 5.79
O3 9PT B . 5.64 -6.64 3.86
CAR 9PT B . 4.40 -6.29 3.25
CAS 9PT B . 3.40 -7.42 3.52
OAT 9PT B . 3.87 -8.61 2.90
OAU 9PT B . 3.92 -5.10 3.83
CAV 9PT B . 2.70 -4.63 3.23
CAW 9PT B . 2.47 -3.29 3.90
OAX 9PT B . 1.91 -3.48 5.20
CAY 9PT B . 1.58 -5.68 3.46
OAZ 9PT B . 0.42 -5.29 2.74
CBA 9PT B . 2.05 -7.03 2.94
OBB 9PT B . 1.06 -8.02 3.31
CBC 9PT B . 0.72 -8.91 2.23
OBD 9PT B . 0.15 -8.18 1.12
CBE 9PT B . -0.12 -9.03 -0.02
CBF 9PT B . -0.63 -8.28 -1.25
OBG 9PT B . -1.57 -7.33 -0.75
CBH 9PT B . -1.19 -10.10 0.40
OBI 9PT B . -1.38 -11.05 -0.67
CBJ 9PT B . -0.76 -10.86 1.65
OBK 9PT B . -1.87 -11.64 2.16
CBL 9PT B . -0.33 -9.89 2.76
OBM 9PT B . 0.19 -10.63 3.84
S SO4 C . -6.96 17.08 10.70
O1 SO4 C . -6.27 18.38 10.63
O2 SO4 C . -6.76 16.47 12.03
O3 SO4 C . -6.43 16.18 9.66
O4 SO4 C . -8.42 17.29 10.47
C1 EDO D . -2.66 11.44 17.11
O1 EDO D . -1.34 10.93 16.89
C2 EDO D . -3.13 11.09 18.51
O2 EDO D . -3.96 9.91 18.48
C1 EDO E . -3.68 -1.04 -26.41
O1 EDO E . -3.56 -1.53 -27.75
C2 EDO E . -4.28 -2.12 -25.53
O2 EDO E . -3.24 -2.90 -24.92
C1 EDO F . -25.54 -12.08 -8.20
O1 EDO F . -24.61 -12.69 -9.09
C2 EDO F . -24.74 -11.02 -7.48
O2 EDO F . -25.45 -10.43 -6.39
C1 EDO G . -34.52 -28.59 11.10
O1 EDO G . -34.93 -29.58 10.14
C2 EDO G . -33.46 -29.18 12.02
O2 EDO G . -33.68 -28.76 13.37
#